data_1ANP
# 
_entry.id   1ANP 
# 
_audit_conform.dict_name       mmcif_pdbx.dic 
_audit_conform.dict_version    5.390 
_audit_conform.dict_location   http://mmcif.pdb.org/dictionaries/ascii/mmcif_pdbx.dic 
# 
loop_
_database_2.database_id 
_database_2.database_code 
_database_2.pdbx_database_accession 
_database_2.pdbx_DOI 
PDB   1ANP         pdb_00001anp 10.2210/pdb1anp/pdb 
WWPDB D_1000171039 ?            ?                   
# 
loop_
_pdbx_audit_revision_history.ordinal 
_pdbx_audit_revision_history.data_content_type 
_pdbx_audit_revision_history.major_revision 
_pdbx_audit_revision_history.minor_revision 
_pdbx_audit_revision_history.revision_date 
1 'Structure model' 1 0 1995-04-07 
2 'Structure model' 1 1 2008-03-24 
3 'Structure model' 1 2 2011-07-13 
4 'Structure model' 1 3 2024-04-10 
# 
_pdbx_audit_revision_details.ordinal             1 
_pdbx_audit_revision_details.revision_ordinal    1 
_pdbx_audit_revision_details.data_content_type   'Structure model' 
_pdbx_audit_revision_details.provider            repository 
_pdbx_audit_revision_details.type                'Initial release' 
_pdbx_audit_revision_details.description         ? 
_pdbx_audit_revision_details.details             ? 
# 
loop_
_pdbx_audit_revision_group.ordinal 
_pdbx_audit_revision_group.revision_ordinal 
_pdbx_audit_revision_group.data_content_type 
_pdbx_audit_revision_group.group 
1 2 'Structure model' 'Version format compliance' 
2 3 'Structure model' 'Version format compliance' 
3 4 'Structure model' 'Data collection'           
4 4 'Structure model' 'Database references'       
5 4 'Structure model' Other                       
# 
loop_
_pdbx_audit_revision_category.ordinal 
_pdbx_audit_revision_category.revision_ordinal 
_pdbx_audit_revision_category.data_content_type 
_pdbx_audit_revision_category.category 
1 4 'Structure model' chem_comp_atom       
2 4 'Structure model' chem_comp_bond       
3 4 'Structure model' database_2           
4 4 'Structure model' pdbx_database_status 
5 4 'Structure model' struct_ref_seq_dif   
# 
loop_
_pdbx_audit_revision_item.ordinal 
_pdbx_audit_revision_item.revision_ordinal 
_pdbx_audit_revision_item.data_content_type 
_pdbx_audit_revision_item.item 
1 4 'Structure model' '_database_2.pdbx_DOI'                
2 4 'Structure model' '_database_2.pdbx_database_accession' 
3 4 'Structure model' '_pdbx_database_status.process_site'  
4 4 'Structure model' '_struct_ref_seq_dif.details'         
# 
_pdbx_database_status.status_code                     REL 
_pdbx_database_status.entry_id                        1ANP 
_pdbx_database_status.recvd_initial_deposition_date   1994-04-06 
_pdbx_database_status.deposit_site                    ? 
_pdbx_database_status.process_site                    BNL 
_pdbx_database_status.SG_entry                        . 
_pdbx_database_status.pdb_format_compatible           Y 
_pdbx_database_status.status_code_mr                  ? 
_pdbx_database_status.status_code_sf                  ? 
_pdbx_database_status.status_code_cs                  ? 
_pdbx_database_status.status_code_nmr_data            ? 
_pdbx_database_status.methods_development_category    ? 
# 
loop_
_audit_author.name 
_audit_author.pdbx_ordinal 
'Fairbrother, W.J.' 1 
'Mcdowell, R.S.'    2 
'Cunningham, B.C.'  3 
# 
loop_
_citation.id 
_citation.title 
_citation.journal_abbrev 
_citation.journal_volume 
_citation.page_first 
_citation.page_last 
_citation.year 
_citation.journal_id_ASTM 
_citation.country 
_citation.journal_id_ISSN 
_citation.journal_id_CSD 
_citation.book_publisher 
_citation.pdbx_database_id_PubMed 
_citation.pdbx_database_id_DOI 
primary 'Solution conformation of an atrial natriuretic peptide variant selective for the type A receptor.' Biochemistry 33 8897 
8904 1994 BICHAW US 0006-2960 0033 ? 8043577 10.1021/bi00196a006 
1       'Production of an Atrial Natriuretic Peptide Variant that is Specific for Type-A Receptors'         'Embo J.'    13 2508 ? 
1994 EMJODG UK 0261-4189 0897 ? ?       ?                   
# 
loop_
_citation_author.citation_id 
_citation_author.name 
_citation_author.ordinal 
_citation_author.identifier_ORCID 
primary 'Fairbrother, W.J.' 1 ? 
primary 'McDowell, R.S.'    2 ? 
primary 'Cunningham, B.C.'  3 ? 
1       'Cunningham, B.C.'  4 ? 
1       'Lowe, D.G.'        5 ? 
1       'Li, B.'            6 ? 
1       'Bennett, B.D.'     7 ? 
1       'Wells, J.A.'       8 ? 
# 
_entity.id                         1 
_entity.type                       polymer 
_entity.src_method                 man 
_entity.pdbx_description           'ATRIAL NATRIURETIC PEPTIDE' 
_entity.formula_weight             3031.323 
_entity.pdbx_number_of_molecules   1 
_entity.pdbx_ec                    ? 
_entity.pdbx_mutation              ? 
_entity.pdbx_fragment              ? 
_entity.details                    ? 
# 
_entity_poly.entity_id                      1 
_entity_poly.type                           'polypeptide(L)' 
_entity_poly.nstd_linkage                   no 
_entity_poly.nstd_monomer                   no 
_entity_poly.pdbx_seq_one_letter_code       SLDRSSCFTGSLDSIRAQSGLGCNSFRY 
_entity_poly.pdbx_seq_one_letter_code_can   SLDRSSCFTGSLDSIRAQSGLGCNSFRY 
_entity_poly.pdbx_strand_id                 A 
_entity_poly.pdbx_target_identifier         ? 
# 
loop_
_entity_poly_seq.entity_id 
_entity_poly_seq.num 
_entity_poly_seq.mon_id 
_entity_poly_seq.hetero 
1 1  SER n 
1 2  LEU n 
1 3  ASP n 
1 4  ARG n 
1 5  SER n 
1 6  SER n 
1 7  CYS n 
1 8  PHE n 
1 9  THR n 
1 10 GLY n 
1 11 SER n 
1 12 LEU n 
1 13 ASP n 
1 14 SER n 
1 15 ILE n 
1 16 ARG n 
1 17 ALA n 
1 18 GLN n 
1 19 SER n 
1 20 GLY n 
1 21 LEU n 
1 22 GLY n 
1 23 CYS n 
1 24 ASN n 
1 25 SER n 
1 26 PHE n 
1 27 ARG n 
1 28 TYR n 
# 
_entity_src_gen.entity_id                          1 
_entity_src_gen.pdbx_src_id                        1 
_entity_src_gen.pdbx_alt_source_flag               sample 
_entity_src_gen.pdbx_seq_type                      ? 
_entity_src_gen.pdbx_beg_seq_num                   ? 
_entity_src_gen.pdbx_end_seq_num                   ? 
_entity_src_gen.gene_src_common_name               human 
_entity_src_gen.gene_src_genus                     Homo 
_entity_src_gen.pdbx_gene_src_gene                 POTENTIAL 
_entity_src_gen.gene_src_species                   ? 
_entity_src_gen.gene_src_strain                    ? 
_entity_src_gen.gene_src_tissue                    ? 
_entity_src_gen.gene_src_tissue_fraction           ? 
_entity_src_gen.gene_src_details                   ? 
_entity_src_gen.pdbx_gene_src_fragment             ? 
_entity_src_gen.pdbx_gene_src_scientific_name      'Homo sapiens' 
_entity_src_gen.pdbx_gene_src_ncbi_taxonomy_id     9606 
_entity_src_gen.pdbx_gene_src_variant              ? 
_entity_src_gen.pdbx_gene_src_cell_line            ? 
_entity_src_gen.pdbx_gene_src_atcc                 ? 
_entity_src_gen.pdbx_gene_src_organ                ? 
_entity_src_gen.pdbx_gene_src_organelle            ? 
_entity_src_gen.pdbx_gene_src_cell                 ? 
_entity_src_gen.pdbx_gene_src_cellular_location    ? 
_entity_src_gen.host_org_common_name               ? 
_entity_src_gen.pdbx_host_org_scientific_name      ? 
_entity_src_gen.pdbx_host_org_ncbi_taxonomy_id     ? 
_entity_src_gen.host_org_genus                     ? 
_entity_src_gen.pdbx_host_org_gene                 ? 
_entity_src_gen.pdbx_host_org_organ                ? 
_entity_src_gen.host_org_species                   ? 
_entity_src_gen.pdbx_host_org_tissue               ? 
_entity_src_gen.pdbx_host_org_tissue_fraction      ? 
_entity_src_gen.pdbx_host_org_strain               ? 
_entity_src_gen.pdbx_host_org_variant              ? 
_entity_src_gen.pdbx_host_org_cell_line            ? 
_entity_src_gen.pdbx_host_org_atcc                 ? 
_entity_src_gen.pdbx_host_org_culture_collection   ? 
_entity_src_gen.pdbx_host_org_cell                 ? 
_entity_src_gen.pdbx_host_org_organelle            ? 
_entity_src_gen.pdbx_host_org_cellular_location    ? 
_entity_src_gen.pdbx_host_org_vector_type          ? 
_entity_src_gen.pdbx_host_org_vector               ? 
_entity_src_gen.host_org_details                   ? 
_entity_src_gen.expression_system_id               ? 
_entity_src_gen.plasmid_name                       ? 
_entity_src_gen.plasmid_details                    ? 
_entity_src_gen.pdbx_description                   ? 
# 
loop_
_chem_comp.id 
_chem_comp.type 
_chem_comp.mon_nstd_flag 
_chem_comp.name 
_chem_comp.pdbx_synonyms 
_chem_comp.formula 
_chem_comp.formula_weight 
ALA 'L-peptide linking' y ALANINE         ? 'C3 H7 N O2'     89.093  
ARG 'L-peptide linking' y ARGININE        ? 'C6 H15 N4 O2 1' 175.209 
ASN 'L-peptide linking' y ASPARAGINE      ? 'C4 H8 N2 O3'    132.118 
ASP 'L-peptide linking' y 'ASPARTIC ACID' ? 'C4 H7 N O4'     133.103 
CYS 'L-peptide linking' y CYSTEINE        ? 'C3 H7 N O2 S'   121.158 
GLN 'L-peptide linking' y GLUTAMINE       ? 'C5 H10 N2 O3'   146.144 
GLY 'peptide linking'   y GLYCINE         ? 'C2 H5 N O2'     75.067  
ILE 'L-peptide linking' y ISOLEUCINE      ? 'C6 H13 N O2'    131.173 
LEU 'L-peptide linking' y LEUCINE         ? 'C6 H13 N O2'    131.173 
MET 'L-peptide linking' y METHIONINE      ? 'C5 H11 N O2 S'  149.211 
PHE 'L-peptide linking' y PHENYLALANINE   ? 'C9 H11 N O2'    165.189 
SER 'L-peptide linking' y SERINE          ? 'C3 H7 N O3'     105.093 
THR 'L-peptide linking' y THREONINE       ? 'C4 H9 N O3'     119.119 
TYR 'L-peptide linking' y TYROSINE        ? 'C9 H11 N O3'    181.189 
# 
loop_
_pdbx_poly_seq_scheme.asym_id 
_pdbx_poly_seq_scheme.entity_id 
_pdbx_poly_seq_scheme.seq_id 
_pdbx_poly_seq_scheme.mon_id 
_pdbx_poly_seq_scheme.ndb_seq_num 
_pdbx_poly_seq_scheme.pdb_seq_num 
_pdbx_poly_seq_scheme.auth_seq_num 
_pdbx_poly_seq_scheme.pdb_mon_id 
_pdbx_poly_seq_scheme.auth_mon_id 
_pdbx_poly_seq_scheme.pdb_strand_id 
_pdbx_poly_seq_scheme.pdb_ins_code 
_pdbx_poly_seq_scheme.hetero 
A 1 1  SER 1  1  1  SER SER A . n 
A 1 2  LEU 2  2  2  LEU LEU A . n 
A 1 3  ASP 3  3  3  ASP ASP A . n 
A 1 4  ARG 4  4  4  ARG ARG A . n 
A 1 5  SER 5  5  5  SER SER A . n 
A 1 6  SER 6  6  6  SER SER A . n 
A 1 7  CYS 7  7  7  CYS CYS A . n 
A 1 8  PHE 8  8  8  PHE PHE A . n 
A 1 9  THR 9  9  9  THR THR A . n 
A 1 10 GLY 10 10 10 GLY GLY A . n 
A 1 11 SER 11 11 11 SER SER A . n 
A 1 12 LEU 12 12 12 LEU LEU A . n 
A 1 13 ASP 13 13 13 ASP ASP A . n 
A 1 14 SER 14 14 14 SER SER A . n 
A 1 15 ILE 15 15 15 ILE ILE A . n 
A 1 16 ARG 16 16 16 ARG ARG A . n 
A 1 17 ALA 17 17 17 ALA ALA A . n 
A 1 18 GLN 18 18 18 GLN GLN A . n 
A 1 19 SER 19 19 19 SER SER A . n 
A 1 20 GLY 20 20 20 GLY GLY A . n 
A 1 21 LEU 21 21 21 LEU LEU A . n 
A 1 22 GLY 22 22 22 GLY GLY A . n 
A 1 23 CYS 23 23 23 CYS CYS A . n 
A 1 24 ASN 24 24 24 ASN ASN A . n 
A 1 25 SER 25 25 25 SER SER A . n 
A 1 26 PHE 26 26 26 PHE PHE A . n 
A 1 27 ARG 27 27 27 ARG ARG A . n 
A 1 28 TYR 28 28 28 TYR TYR A . n 
# 
_cell.entry_id           1ANP 
_cell.length_a           1.000 
_cell.length_b           1.000 
_cell.length_c           1.000 
_cell.angle_alpha        90.00 
_cell.angle_beta         90.00 
_cell.angle_gamma        90.00 
_cell.Z_PDB              1 
_cell.pdbx_unique_axis   ? 
# 
_symmetry.entry_id                         1ANP 
_symmetry.space_group_name_H-M             'P 1' 
_symmetry.pdbx_full_space_group_name_H-M   ? 
_symmetry.cell_setting                     ? 
_symmetry.Int_Tables_number                1 
# 
_exptl.entry_id          1ANP 
_exptl.method            'SOLUTION NMR' 
_exptl.crystals_number   ? 
# 
_struct.entry_id                  1ANP 
_struct.title                     
'SOLUTION CONFORMATION OF AN ATRIAL NATRIURETIC PEPTIDE VARIANT SELECTIVE FOR THE TYPE-A RECEPTOR' 
_struct.pdbx_model_details        ? 
_struct.pdbx_CASP_flag            ? 
_struct.pdbx_model_type_details   ? 
# 
_struct_keywords.entry_id        1ANP 
_struct_keywords.pdbx_keywords   'HYPOTENSIVE HORMONE' 
_struct_keywords.text            'HYPOTENSIVE HORMONE' 
# 
_struct_asym.id                            A 
_struct_asym.pdbx_blank_PDB_chainid_flag   Y 
_struct_asym.pdbx_modified                 N 
_struct_asym.entity_id                     1 
_struct_asym.details                       ? 
# 
_struct_ref.id                         1 
_struct_ref.db_name                    UNP 
_struct_ref.db_code                    ANF_HUMAN 
_struct_ref.entity_id                  1 
_struct_ref.pdbx_db_accession          P01160 
_struct_ref.pdbx_align_begin           1 
_struct_ref.pdbx_seq_one_letter_code   
;MSSFSTTTVSFLLLLAFQLLGQTRANPMYNAVSNADLMDFKNLLDHLEEKMPLEDEVVPPQVLSEPNEEAGAALSPLPEV
PPWTGEVSPAQRDGGALGRGPWDSSDRSALLKSKLRALLTAPRSLRRSSCFGGRMDRIGAQSGLGCNSFRYRR
;
_struct_ref.pdbx_db_isoform            ? 
# 
_struct_ref_seq.align_id                      1 
_struct_ref_seq.ref_id                        1 
_struct_ref_seq.pdbx_PDB_id_code              1ANP 
_struct_ref_seq.pdbx_strand_id                A 
_struct_ref_seq.seq_align_beg                 1 
_struct_ref_seq.pdbx_seq_align_beg_ins_code   ? 
_struct_ref_seq.seq_align_end                 28 
_struct_ref_seq.pdbx_seq_align_end_ins_code   ? 
_struct_ref_seq.pdbx_db_accession             P01160 
_struct_ref_seq.db_align_beg                  124 
_struct_ref_seq.pdbx_db_align_beg_ins_code    ? 
_struct_ref_seq.db_align_end                  151 
_struct_ref_seq.pdbx_db_align_end_ins_code    ? 
_struct_ref_seq.pdbx_auth_seq_align_beg       1 
_struct_ref_seq.pdbx_auth_seq_align_end       28 
# 
loop_
_struct_ref_seq_dif.align_id 
_struct_ref_seq_dif.pdbx_pdb_id_code 
_struct_ref_seq_dif.mon_id 
_struct_ref_seq_dif.pdbx_pdb_strand_id 
_struct_ref_seq_dif.seq_num 
_struct_ref_seq_dif.pdbx_pdb_ins_code 
_struct_ref_seq_dif.pdbx_seq_db_name 
_struct_ref_seq_dif.pdbx_seq_db_accession_code 
_struct_ref_seq_dif.db_mon_id 
_struct_ref_seq_dif.pdbx_seq_db_seq_num 
_struct_ref_seq_dif.details 
_struct_ref_seq_dif.pdbx_auth_seq_num 
_struct_ref_seq_dif.pdbx_ordinal 
1 1ANP ASP A 3  ? UNP P01160 ARG 126 conflict 3  1 
1 1ANP THR A 9  ? UNP P01160 GLY 132 conflict 9  2 
1 1ANP SER A 11 ? UNP P01160 ARG 134 conflict 11 3 
1 1ANP LEU A 12 ? UNP P01160 MET 135 conflict 12 4 
1 1ANP SER A 14 ? UNP P01160 ARG 137 conflict 14 5 
1 1ANP ARG A 16 ? UNP P01160 GLY 139 conflict 16 6 
# 
_pdbx_struct_assembly.id                   1 
_pdbx_struct_assembly.details              author_defined_assembly 
_pdbx_struct_assembly.method_details       ? 
_pdbx_struct_assembly.oligomeric_details   monomeric 
_pdbx_struct_assembly.oligomeric_count     1 
# 
_pdbx_struct_assembly_gen.assembly_id       1 
_pdbx_struct_assembly_gen.oper_expression   1 
_pdbx_struct_assembly_gen.asym_id_list      A 
# 
_pdbx_struct_oper_list.id                   1 
_pdbx_struct_oper_list.type                 'identity operation' 
_pdbx_struct_oper_list.name                 1_555 
_pdbx_struct_oper_list.symmetry_operation   x,y,z 
_pdbx_struct_oper_list.matrix[1][1]         1.0000000000 
_pdbx_struct_oper_list.matrix[1][2]         0.0000000000 
_pdbx_struct_oper_list.matrix[1][3]         0.0000000000 
_pdbx_struct_oper_list.vector[1]            0.0000000000 
_pdbx_struct_oper_list.matrix[2][1]         0.0000000000 
_pdbx_struct_oper_list.matrix[2][2]         1.0000000000 
_pdbx_struct_oper_list.matrix[2][3]         0.0000000000 
_pdbx_struct_oper_list.vector[2]            0.0000000000 
_pdbx_struct_oper_list.matrix[3][1]         0.0000000000 
_pdbx_struct_oper_list.matrix[3][2]         0.0000000000 
_pdbx_struct_oper_list.matrix[3][3]         1.0000000000 
_pdbx_struct_oper_list.vector[3]            0.0000000000 
# 
_struct_biol.id   1 
# 
_pdbx_nmr_ensemble.entry_id                             1ANP 
_pdbx_nmr_ensemble.conformers_calculated_total_number   ? 
_pdbx_nmr_ensemble.conformers_submitted_total_number    11 
_pdbx_nmr_ensemble.conformer_selection_criteria         ? 
# 
loop_
_chem_comp_atom.comp_id 
_chem_comp_atom.atom_id 
_chem_comp_atom.type_symbol 
_chem_comp_atom.pdbx_aromatic_flag 
_chem_comp_atom.pdbx_stereo_config 
_chem_comp_atom.pdbx_ordinal 
ALA N    N N N 1   
ALA CA   C N S 2   
ALA C    C N N 3   
ALA O    O N N 4   
ALA CB   C N N 5   
ALA OXT  O N N 6   
ALA H    H N N 7   
ALA H2   H N N 8   
ALA HA   H N N 9   
ALA HB1  H N N 10  
ALA HB2  H N N 11  
ALA HB3  H N N 12  
ALA HXT  H N N 13  
ARG N    N N N 14  
ARG CA   C N S 15  
ARG C    C N N 16  
ARG O    O N N 17  
ARG CB   C N N 18  
ARG CG   C N N 19  
ARG CD   C N N 20  
ARG NE   N N N 21  
ARG CZ   C N N 22  
ARG NH1  N N N 23  
ARG NH2  N N N 24  
ARG OXT  O N N 25  
ARG H    H N N 26  
ARG H2   H N N 27  
ARG HA   H N N 28  
ARG HB2  H N N 29  
ARG HB3  H N N 30  
ARG HG2  H N N 31  
ARG HG3  H N N 32  
ARG HD2  H N N 33  
ARG HD3  H N N 34  
ARG HE   H N N 35  
ARG HH11 H N N 36  
ARG HH12 H N N 37  
ARG HH21 H N N 38  
ARG HH22 H N N 39  
ARG HXT  H N N 40  
ASN N    N N N 41  
ASN CA   C N S 42  
ASN C    C N N 43  
ASN O    O N N 44  
ASN CB   C N N 45  
ASN CG   C N N 46  
ASN OD1  O N N 47  
ASN ND2  N N N 48  
ASN OXT  O N N 49  
ASN H    H N N 50  
ASN H2   H N N 51  
ASN HA   H N N 52  
ASN HB2  H N N 53  
ASN HB3  H N N 54  
ASN HD21 H N N 55  
ASN HD22 H N N 56  
ASN HXT  H N N 57  
ASP N    N N N 58  
ASP CA   C N S 59  
ASP C    C N N 60  
ASP O    O N N 61  
ASP CB   C N N 62  
ASP CG   C N N 63  
ASP OD1  O N N 64  
ASP OD2  O N N 65  
ASP OXT  O N N 66  
ASP H    H N N 67  
ASP H2   H N N 68  
ASP HA   H N N 69  
ASP HB2  H N N 70  
ASP HB3  H N N 71  
ASP HD2  H N N 72  
ASP HXT  H N N 73  
CYS N    N N N 74  
CYS CA   C N R 75  
CYS C    C N N 76  
CYS O    O N N 77  
CYS CB   C N N 78  
CYS SG   S N N 79  
CYS OXT  O N N 80  
CYS H    H N N 81  
CYS H2   H N N 82  
CYS HA   H N N 83  
CYS HB2  H N N 84  
CYS HB3  H N N 85  
CYS HG   H N N 86  
CYS HXT  H N N 87  
GLN N    N N N 88  
GLN CA   C N S 89  
GLN C    C N N 90  
GLN O    O N N 91  
GLN CB   C N N 92  
GLN CG   C N N 93  
GLN CD   C N N 94  
GLN OE1  O N N 95  
GLN NE2  N N N 96  
GLN OXT  O N N 97  
GLN H    H N N 98  
GLN H2   H N N 99  
GLN HA   H N N 100 
GLN HB2  H N N 101 
GLN HB3  H N N 102 
GLN HG2  H N N 103 
GLN HG3  H N N 104 
GLN HE21 H N N 105 
GLN HE22 H N N 106 
GLN HXT  H N N 107 
GLY N    N N N 108 
GLY CA   C N N 109 
GLY C    C N N 110 
GLY O    O N N 111 
GLY OXT  O N N 112 
GLY H    H N N 113 
GLY H2   H N N 114 
GLY HA2  H N N 115 
GLY HA3  H N N 116 
GLY HXT  H N N 117 
ILE N    N N N 118 
ILE CA   C N S 119 
ILE C    C N N 120 
ILE O    O N N 121 
ILE CB   C N S 122 
ILE CG1  C N N 123 
ILE CG2  C N N 124 
ILE CD1  C N N 125 
ILE OXT  O N N 126 
ILE H    H N N 127 
ILE H2   H N N 128 
ILE HA   H N N 129 
ILE HB   H N N 130 
ILE HG12 H N N 131 
ILE HG13 H N N 132 
ILE HG21 H N N 133 
ILE HG22 H N N 134 
ILE HG23 H N N 135 
ILE HD11 H N N 136 
ILE HD12 H N N 137 
ILE HD13 H N N 138 
ILE HXT  H N N 139 
LEU N    N N N 140 
LEU CA   C N S 141 
LEU C    C N N 142 
LEU O    O N N 143 
LEU CB   C N N 144 
LEU CG   C N N 145 
LEU CD1  C N N 146 
LEU CD2  C N N 147 
LEU OXT  O N N 148 
LEU H    H N N 149 
LEU H2   H N N 150 
LEU HA   H N N 151 
LEU HB2  H N N 152 
LEU HB3  H N N 153 
LEU HG   H N N 154 
LEU HD11 H N N 155 
LEU HD12 H N N 156 
LEU HD13 H N N 157 
LEU HD21 H N N 158 
LEU HD22 H N N 159 
LEU HD23 H N N 160 
LEU HXT  H N N 161 
MET N    N N N 162 
MET CA   C N S 163 
MET C    C N N 164 
MET O    O N N 165 
MET CB   C N N 166 
MET CG   C N N 167 
MET SD   S N N 168 
MET CE   C N N 169 
MET OXT  O N N 170 
MET H    H N N 171 
MET H2   H N N 172 
MET HA   H N N 173 
MET HB2  H N N 174 
MET HB3  H N N 175 
MET HG2  H N N 176 
MET HG3  H N N 177 
MET HE1  H N N 178 
MET HE2  H N N 179 
MET HE3  H N N 180 
MET HXT  H N N 181 
PHE N    N N N 182 
PHE CA   C N S 183 
PHE C    C N N 184 
PHE O    O N N 185 
PHE CB   C N N 186 
PHE CG   C Y N 187 
PHE CD1  C Y N 188 
PHE CD2  C Y N 189 
PHE CE1  C Y N 190 
PHE CE2  C Y N 191 
PHE CZ   C Y N 192 
PHE OXT  O N N 193 
PHE H    H N N 194 
PHE H2   H N N 195 
PHE HA   H N N 196 
PHE HB2  H N N 197 
PHE HB3  H N N 198 
PHE HD1  H N N 199 
PHE HD2  H N N 200 
PHE HE1  H N N 201 
PHE HE2  H N N 202 
PHE HZ   H N N 203 
PHE HXT  H N N 204 
SER N    N N N 205 
SER CA   C N S 206 
SER C    C N N 207 
SER O    O N N 208 
SER CB   C N N 209 
SER OG   O N N 210 
SER OXT  O N N 211 
SER H    H N N 212 
SER H2   H N N 213 
SER HA   H N N 214 
SER HB2  H N N 215 
SER HB3  H N N 216 
SER HG   H N N 217 
SER HXT  H N N 218 
THR N    N N N 219 
THR CA   C N S 220 
THR C    C N N 221 
THR O    O N N 222 
THR CB   C N R 223 
THR OG1  O N N 224 
THR CG2  C N N 225 
THR OXT  O N N 226 
THR H    H N N 227 
THR H2   H N N 228 
THR HA   H N N 229 
THR HB   H N N 230 
THR HG1  H N N 231 
THR HG21 H N N 232 
THR HG22 H N N 233 
THR HG23 H N N 234 
THR HXT  H N N 235 
TYR N    N N N 236 
TYR CA   C N S 237 
TYR C    C N N 238 
TYR O    O N N 239 
TYR CB   C N N 240 
TYR CG   C Y N 241 
TYR CD1  C Y N 242 
TYR CD2  C Y N 243 
TYR CE1  C Y N 244 
TYR CE2  C Y N 245 
TYR CZ   C Y N 246 
TYR OH   O N N 247 
TYR OXT  O N N 248 
TYR H    H N N 249 
TYR H2   H N N 250 
TYR HA   H N N 251 
TYR HB2  H N N 252 
TYR HB3  H N N 253 
TYR HD1  H N N 254 
TYR HD2  H N N 255 
TYR HE1  H N N 256 
TYR HE2  H N N 257 
TYR HH   H N N 258 
TYR HXT  H N N 259 
# 
loop_
_chem_comp_bond.comp_id 
_chem_comp_bond.atom_id_1 
_chem_comp_bond.atom_id_2 
_chem_comp_bond.value_order 
_chem_comp_bond.pdbx_aromatic_flag 
_chem_comp_bond.pdbx_stereo_config 
_chem_comp_bond.pdbx_ordinal 
ALA N   CA   sing N N 1   
ALA N   H    sing N N 2   
ALA N   H2   sing N N 3   
ALA CA  C    sing N N 4   
ALA CA  CB   sing N N 5   
ALA CA  HA   sing N N 6   
ALA C   O    doub N N 7   
ALA C   OXT  sing N N 8   
ALA CB  HB1  sing N N 9   
ALA CB  HB2  sing N N 10  
ALA CB  HB3  sing N N 11  
ALA OXT HXT  sing N N 12  
ARG N   CA   sing N N 13  
ARG N   H    sing N N 14  
ARG N   H2   sing N N 15  
ARG CA  C    sing N N 16  
ARG CA  CB   sing N N 17  
ARG CA  HA   sing N N 18  
ARG C   O    doub N N 19  
ARG C   OXT  sing N N 20  
ARG CB  CG   sing N N 21  
ARG CB  HB2  sing N N 22  
ARG CB  HB3  sing N N 23  
ARG CG  CD   sing N N 24  
ARG CG  HG2  sing N N 25  
ARG CG  HG3  sing N N 26  
ARG CD  NE   sing N N 27  
ARG CD  HD2  sing N N 28  
ARG CD  HD3  sing N N 29  
ARG NE  CZ   sing N N 30  
ARG NE  HE   sing N N 31  
ARG CZ  NH1  sing N N 32  
ARG CZ  NH2  doub N N 33  
ARG NH1 HH11 sing N N 34  
ARG NH1 HH12 sing N N 35  
ARG NH2 HH21 sing N N 36  
ARG NH2 HH22 sing N N 37  
ARG OXT HXT  sing N N 38  
ASN N   CA   sing N N 39  
ASN N   H    sing N N 40  
ASN N   H2   sing N N 41  
ASN CA  C    sing N N 42  
ASN CA  CB   sing N N 43  
ASN CA  HA   sing N N 44  
ASN C   O    doub N N 45  
ASN C   OXT  sing N N 46  
ASN CB  CG   sing N N 47  
ASN CB  HB2  sing N N 48  
ASN CB  HB3  sing N N 49  
ASN CG  OD1  doub N N 50  
ASN CG  ND2  sing N N 51  
ASN ND2 HD21 sing N N 52  
ASN ND2 HD22 sing N N 53  
ASN OXT HXT  sing N N 54  
ASP N   CA   sing N N 55  
ASP N   H    sing N N 56  
ASP N   H2   sing N N 57  
ASP CA  C    sing N N 58  
ASP CA  CB   sing N N 59  
ASP CA  HA   sing N N 60  
ASP C   O    doub N N 61  
ASP C   OXT  sing N N 62  
ASP CB  CG   sing N N 63  
ASP CB  HB2  sing N N 64  
ASP CB  HB3  sing N N 65  
ASP CG  OD1  doub N N 66  
ASP CG  OD2  sing N N 67  
ASP OD2 HD2  sing N N 68  
ASP OXT HXT  sing N N 69  
CYS N   CA   sing N N 70  
CYS N   H    sing N N 71  
CYS N   H2   sing N N 72  
CYS CA  C    sing N N 73  
CYS CA  CB   sing N N 74  
CYS CA  HA   sing N N 75  
CYS C   O    doub N N 76  
CYS C   OXT  sing N N 77  
CYS CB  SG   sing N N 78  
CYS CB  HB2  sing N N 79  
CYS CB  HB3  sing N N 80  
CYS SG  HG   sing N N 81  
CYS OXT HXT  sing N N 82  
GLN N   CA   sing N N 83  
GLN N   H    sing N N 84  
GLN N   H2   sing N N 85  
GLN CA  C    sing N N 86  
GLN CA  CB   sing N N 87  
GLN CA  HA   sing N N 88  
GLN C   O    doub N N 89  
GLN C   OXT  sing N N 90  
GLN CB  CG   sing N N 91  
GLN CB  HB2  sing N N 92  
GLN CB  HB3  sing N N 93  
GLN CG  CD   sing N N 94  
GLN CG  HG2  sing N N 95  
GLN CG  HG3  sing N N 96  
GLN CD  OE1  doub N N 97  
GLN CD  NE2  sing N N 98  
GLN NE2 HE21 sing N N 99  
GLN NE2 HE22 sing N N 100 
GLN OXT HXT  sing N N 101 
GLY N   CA   sing N N 102 
GLY N   H    sing N N 103 
GLY N   H2   sing N N 104 
GLY CA  C    sing N N 105 
GLY CA  HA2  sing N N 106 
GLY CA  HA3  sing N N 107 
GLY C   O    doub N N 108 
GLY C   OXT  sing N N 109 
GLY OXT HXT  sing N N 110 
ILE N   CA   sing N N 111 
ILE N   H    sing N N 112 
ILE N   H2   sing N N 113 
ILE CA  C    sing N N 114 
ILE CA  CB   sing N N 115 
ILE CA  HA   sing N N 116 
ILE C   O    doub N N 117 
ILE C   OXT  sing N N 118 
ILE CB  CG1  sing N N 119 
ILE CB  CG2  sing N N 120 
ILE CB  HB   sing N N 121 
ILE CG1 CD1  sing N N 122 
ILE CG1 HG12 sing N N 123 
ILE CG1 HG13 sing N N 124 
ILE CG2 HG21 sing N N 125 
ILE CG2 HG22 sing N N 126 
ILE CG2 HG23 sing N N 127 
ILE CD1 HD11 sing N N 128 
ILE CD1 HD12 sing N N 129 
ILE CD1 HD13 sing N N 130 
ILE OXT HXT  sing N N 131 
LEU N   CA   sing N N 132 
LEU N   H    sing N N 133 
LEU N   H2   sing N N 134 
LEU CA  C    sing N N 135 
LEU CA  CB   sing N N 136 
LEU CA  HA   sing N N 137 
LEU C   O    doub N N 138 
LEU C   OXT  sing N N 139 
LEU CB  CG   sing N N 140 
LEU CB  HB2  sing N N 141 
LEU CB  HB3  sing N N 142 
LEU CG  CD1  sing N N 143 
LEU CG  CD2  sing N N 144 
LEU CG  HG   sing N N 145 
LEU CD1 HD11 sing N N 146 
LEU CD1 HD12 sing N N 147 
LEU CD1 HD13 sing N N 148 
LEU CD2 HD21 sing N N 149 
LEU CD2 HD22 sing N N 150 
LEU CD2 HD23 sing N N 151 
LEU OXT HXT  sing N N 152 
MET N   CA   sing N N 153 
MET N   H    sing N N 154 
MET N   H2   sing N N 155 
MET CA  C    sing N N 156 
MET CA  CB   sing N N 157 
MET CA  HA   sing N N 158 
MET C   O    doub N N 159 
MET C   OXT  sing N N 160 
MET CB  CG   sing N N 161 
MET CB  HB2  sing N N 162 
MET CB  HB3  sing N N 163 
MET CG  SD   sing N N 164 
MET CG  HG2  sing N N 165 
MET CG  HG3  sing N N 166 
MET SD  CE   sing N N 167 
MET CE  HE1  sing N N 168 
MET CE  HE2  sing N N 169 
MET CE  HE3  sing N N 170 
MET OXT HXT  sing N N 171 
PHE N   CA   sing N N 172 
PHE N   H    sing N N 173 
PHE N   H2   sing N N 174 
PHE CA  C    sing N N 175 
PHE CA  CB   sing N N 176 
PHE CA  HA   sing N N 177 
PHE C   O    doub N N 178 
PHE C   OXT  sing N N 179 
PHE CB  CG   sing N N 180 
PHE CB  HB2  sing N N 181 
PHE CB  HB3  sing N N 182 
PHE CG  CD1  doub Y N 183 
PHE CG  CD2  sing Y N 184 
PHE CD1 CE1  sing Y N 185 
PHE CD1 HD1  sing N N 186 
PHE CD2 CE2  doub Y N 187 
PHE CD2 HD2  sing N N 188 
PHE CE1 CZ   doub Y N 189 
PHE CE1 HE1  sing N N 190 
PHE CE2 CZ   sing Y N 191 
PHE CE2 HE2  sing N N 192 
PHE CZ  HZ   sing N N 193 
PHE OXT HXT  sing N N 194 
SER N   CA   sing N N 195 
SER N   H    sing N N 196 
SER N   H2   sing N N 197 
SER CA  C    sing N N 198 
SER CA  CB   sing N N 199 
SER CA  HA   sing N N 200 
SER C   O    doub N N 201 
SER C   OXT  sing N N 202 
SER CB  OG   sing N N 203 
SER CB  HB2  sing N N 204 
SER CB  HB3  sing N N 205 
SER OG  HG   sing N N 206 
SER OXT HXT  sing N N 207 
THR N   CA   sing N N 208 
THR N   H    sing N N 209 
THR N   H2   sing N N 210 
THR CA  C    sing N N 211 
THR CA  CB   sing N N 212 
THR CA  HA   sing N N 213 
THR C   O    doub N N 214 
THR C   OXT  sing N N 215 
THR CB  OG1  sing N N 216 
THR CB  CG2  sing N N 217 
THR CB  HB   sing N N 218 
THR OG1 HG1  sing N N 219 
THR CG2 HG21 sing N N 220 
THR CG2 HG22 sing N N 221 
THR CG2 HG23 sing N N 222 
THR OXT HXT  sing N N 223 
TYR N   CA   sing N N 224 
TYR N   H    sing N N 225 
TYR N   H2   sing N N 226 
TYR CA  C    sing N N 227 
TYR CA  CB   sing N N 228 
TYR CA  HA   sing N N 229 
TYR C   O    doub N N 230 
TYR C   OXT  sing N N 231 
TYR CB  CG   sing N N 232 
TYR CB  HB2  sing N N 233 
TYR CB  HB3  sing N N 234 
TYR CG  CD1  doub Y N 235 
TYR CG  CD2  sing Y N 236 
TYR CD1 CE1  sing Y N 237 
TYR CD1 HD1  sing N N 238 
TYR CD2 CE2  doub Y N 239 
TYR CD2 HD2  sing N N 240 
TYR CE1 CZ   doub Y N 241 
TYR CE1 HE1  sing N N 242 
TYR CE2 CZ   sing Y N 243 
TYR CE2 HE2  sing N N 244 
TYR CZ  OH   sing N N 245 
TYR OH  HH   sing N N 246 
TYR OXT HXT  sing N N 247 
# 
_pdbx_coordinate_model.asym_id   A 
_pdbx_coordinate_model.type      'CA ATOMS ONLY' 
# 
_atom_sites.entry_id                    1ANP 
_atom_sites.fract_transf_matrix[1][1]   1.000000 
_atom_sites.fract_transf_matrix[1][2]   0.000000 
_atom_sites.fract_transf_matrix[1][3]   0.000000 
_atom_sites.fract_transf_matrix[2][1]   0.000000 
_atom_sites.fract_transf_matrix[2][2]   1.000000 
_atom_sites.fract_transf_matrix[2][3]   0.000000 
_atom_sites.fract_transf_matrix[3][1]   0.000000 
_atom_sites.fract_transf_matrix[3][2]   0.000000 
_atom_sites.fract_transf_matrix[3][3]   1.000000 
_atom_sites.fract_transf_vector[1]      0.00000 
_atom_sites.fract_transf_vector[2]      0.00000 
_atom_sites.fract_transf_vector[3]      0.00000 
# 
_atom_type.symbol   C 
# 
loop_
_atom_site.group_PDB 
_atom_site.id 
_atom_site.type_symbol 
_atom_site.label_atom_id 
_atom_site.label_alt_id 
_atom_site.label_comp_id 
_atom_site.label_asym_id 
_atom_site.label_entity_id 
_atom_site.label_seq_id 
_atom_site.pdbx_PDB_ins_code 
_atom_site.Cartn_x 
_atom_site.Cartn_y 
_atom_site.Cartn_z 
_atom_site.occupancy 
_atom_site.B_iso_or_equiv 
_atom_site.pdbx_formal_charge 
_atom_site.auth_seq_id 
_atom_site.auth_comp_id 
_atom_site.auth_asym_id 
_atom_site.auth_atom_id 
_atom_site.pdbx_PDB_model_num 
ATOM 1   C CA . SER A 1 1  ? -0.698 -7.364 10.364 1.00 0.00 ? 1  SER A CA 1  
ATOM 2   C CA . LEU A 1 2  ? 0.043  -3.881 8.945  1.00 0.00 ? 2  LEU A CA 1  
ATOM 3   C CA . ASP A 1 3  ? -2.667 -1.256 8.223  1.00 0.00 ? 3  ASP A CA 1  
ATOM 4   C CA . ARG A 1 4  ? -2.760 2.113  6.381  1.00 0.00 ? 4  ARG A CA 1  
ATOM 5   C CA . SER A 1 5  ? 0.013  2.559  3.783  1.00 0.00 ? 5  SER A CA 1  
ATOM 6   C CA . SER A 1 6  ? 0.972  3.877  0.319  1.00 0.00 ? 6  SER A CA 1  
ATOM 7   C CA . CYS A 1 7  ? 1.800  2.569  -3.195 1.00 0.00 ? 7  CYS A CA 1  
ATOM 8   C CA . PHE A 1 8  ? 3.609  -0.789 -3.557 1.00 0.00 ? 8  PHE A CA 1  
ATOM 9   C CA . THR A 1 9  ? 5.146  0.363  -6.811 1.00 0.00 ? 9  THR A CA 1  
ATOM 10  C CA . GLY A 1 10 ? 8.666  0.223  -8.270 1.00 0.00 ? 10 GLY A CA 1  
ATOM 11  C CA . SER A 1 11 ? 8.801  -3.562 -7.749 1.00 0.00 ? 11 SER A CA 1  
ATOM 12  C CA . LEU A 1 12 ? 7.293  -4.568 -4.380 1.00 0.00 ? 12 LEU A CA 1  
ATOM 13  C CA . ASP A 1 13 ? 6.758  -2.598 -1.143 1.00 0.00 ? 13 ASP A CA 1  
ATOM 14  C CA . SER A 1 14 ? 3.542  -1.721 0.778  1.00 0.00 ? 14 SER A CA 1  
ATOM 15  C CA . ILE A 1 15 ? 0.816  -4.065 -0.579 1.00 0.00 ? 15 ILE A CA 1  
ATOM 16  C CA . ARG A 1 16 ? -1.874 -5.510 1.789  1.00 0.00 ? 16 ARG A CA 1  
ATOM 17  C CA . ALA A 1 17 ? -0.018 -3.114 4.158  1.00 0.00 ? 17 ALA A CA 1  
ATOM 18  C CA . GLN A 1 18 ? -2.830 -0.681 3.169  1.00 0.00 ? 18 GLN A CA 1  
ATOM 19  C CA . SER A 1 19 ? -6.196 -0.007 4.807  1.00 0.00 ? 19 SER A CA 1  
ATOM 20  C CA . GLY A 1 20 ? -7.517 3.096  2.975  1.00 0.00 ? 20 GLY A CA 1  
ATOM 21  C CA . LEU A 1 21 ? -5.112 3.212  -0.005 1.00 0.00 ? 21 LEU A CA 1  
ATOM 22  C CA . GLY A 1 22 ? -2.612 6.092  0.281  1.00 0.00 ? 22 GLY A CA 1  
ATOM 23  C CA . CYS A 1 23 ? -2.133 5.773  -3.513 1.00 0.00 ? 23 CYS A CA 1  
ATOM 24  C CA . ASN A 1 24 ? -5.509 5.115  -5.263 1.00 0.00 ? 24 ASN A CA 1  
ATOM 25  C CA . SER A 1 25 ? -5.210 1.353  -5.957 1.00 0.00 ? 25 SER A CA 1  
ATOM 26  C CA . PHE A 1 26 ? -2.310 -1.148 -6.150 1.00 0.00 ? 26 PHE A CA 1  
ATOM 27  C CA . ARG A 1 27 ? -2.248 -4.697 -4.720 1.00 0.00 ? 27 ARG A CA 1  
ATOM 28  C CA . TYR A 1 28 ? -4.042 -5.729 -1.504 1.00 0.00 ? 28 TYR A CA 1  
ATOM 29  C CA . SER A 1 1  ? -3.454 -5.720 6.206  1.00 0.00 ? 1  SER A CA 2  
ATOM 30  C CA . LEU A 1 2  ? -0.369 -4.306 8.014  1.00 0.00 ? 2  LEU A CA 2  
ATOM 31  C CA . ASP A 1 3  ? -2.277 -1.028 7.791  1.00 0.00 ? 3  ASP A CA 2  
ATOM 32  C CA . ARG A 1 4  ? -0.107 1.486  5.894  1.00 0.00 ? 4  ARG A CA 2  
ATOM 33  C CA . SER A 1 5  ? -0.975 2.454  2.296  1.00 0.00 ? 5  SER A CA 2  
ATOM 34  C CA . SER A 1 6  ? 2.008  3.186  0.051  1.00 0.00 ? 6  SER A CA 2  
ATOM 35  C CA . CYS A 1 7  ? 1.956  3.088  -3.718 1.00 0.00 ? 7  CYS A CA 2  
ATOM 36  C CA . PHE A 1 8  ? 5.287  1.302  -3.168 1.00 0.00 ? 8  PHE A CA 2  
ATOM 37  C CA . THR A 1 9  ? 5.747  1.045  -6.995 1.00 0.00 ? 9  THR A CA 2  
ATOM 38  C CA . GLY A 1 10 ? 8.169  -1.758 -7.960 1.00 0.00 ? 10 GLY A CA 2  
ATOM 39  C CA . SER A 1 11 ? 8.231  -5.163 -6.211 1.00 0.00 ? 11 SER A CA 2  
ATOM 40  C CA . LEU A 1 12 ? 8.734  -4.170 -2.554 1.00 0.00 ? 12 LEU A CA 2  
ATOM 41  C CA . ASP A 1 13 ? 7.397  -5.471 0.794  1.00 0.00 ? 13 ASP A CA 2  
ATOM 42  C CA . SER A 1 14 ? 4.687  -2.857 1.481  1.00 0.00 ? 14 SER A CA 2  
ATOM 43  C CA . ILE A 1 15 ? 2.032  -4.023 -1.037 1.00 0.00 ? 15 ILE A CA 2  
ATOM 44  C CA . ARG A 1 16 ? -0.520 -5.551 1.355  1.00 0.00 ? 16 ARG A CA 2  
ATOM 45  C CA . ALA A 1 17 ? 0.606  -3.028 3.970  1.00 0.00 ? 17 ALA A CA 2  
ATOM 46  C CA . GLN A 1 18 ? -2.496 -1.205 2.794  1.00 0.00 ? 18 GLN A CA 2  
ATOM 47  C CA . SER A 1 19 ? -4.421 0.922  5.339  1.00 0.00 ? 19 SER A CA 2  
ATOM 48  C CA . GLY A 1 20 ? -7.251 2.086  3.048  1.00 0.00 ? 20 GLY A CA 2  
ATOM 49  C CA . LEU A 1 21 ? -5.932 3.799  -0.108 1.00 0.00 ? 21 LEU A CA 2  
ATOM 50  C CA . GLY A 1 22 ? -3.897 6.487  1.646  1.00 0.00 ? 22 GLY A CA 2  
ATOM 51  C CA . CYS A 1 23 ? -2.409 6.596  -1.870 1.00 0.00 ? 23 CYS A CA 2  
ATOM 52  C CA . ASN A 1 24 ? -5.272 5.916  -4.339 1.00 0.00 ? 24 ASN A CA 2  
ATOM 53  C CA . SER A 1 25 ? -4.628 2.558  -6.050 1.00 0.00 ? 25 SER A CA 2  
ATOM 54  C CA . PHE A 1 26 ? -1.901 -0.133 -5.784 1.00 0.00 ? 26 PHE A CA 2  
ATOM 55  C CA . ARG A 1 27 ? -3.554 -2.940 -3.773 1.00 0.00 ? 27 ARG A CA 2  
ATOM 56  C CA . TYR A 1 28 ? -6.862 -3.075 -1.850 1.00 0.00 ? 28 TYR A CA 2  
ATOM 57  C CA . SER A 1 1  ? 3.769  5.475  6.224  1.00 0.00 ? 1  SER A CA 3  
ATOM 58  C CA . LEU A 1 2  ? 4.006  1.645  6.253  1.00 0.00 ? 2  LEU A CA 3  
ATOM 59  C CA . ASP A 1 3  ? 0.539  1.382  7.883  1.00 0.00 ? 3  ASP A CA 3  
ATOM 60  C CA . ARG A 1 4  ? -0.992 4.366  5.967  1.00 0.00 ? 4  ARG A CA 3  
ATOM 61  C CA . SER A 1 5  ? -0.125 5.291  2.336  1.00 0.00 ? 5  SER A CA 3  
ATOM 62  C CA . SER A 1 6  ? 3.155  3.377  1.975  1.00 0.00 ? 6  SER A CA 3  
ATOM 63  C CA . CYS A 1 7  ? 2.593  3.256  -1.809 1.00 0.00 ? 7  CYS A CA 3  
ATOM 64  C CA . PHE A 1 8  ? 5.250  0.706  -2.798 1.00 0.00 ? 8  PHE A CA 3  
ATOM 65  C CA . THR A 1 9  ? 5.142  1.622  -6.541 1.00 0.00 ? 9  THR A CA 3  
ATOM 66  C CA . GLY A 1 10 ? 8.625  0.379  -7.586 1.00 0.00 ? 10 GLY A CA 3  
ATOM 67  C CA . SER A 1 11 ? 9.984  -0.599 -4.138 1.00 0.00 ? 11 SER A CA 3  
ATOM 68  C CA . LEU A 1 12 ? 7.867  -3.753 -3.617 1.00 0.00 ? 12 LEU A CA 3  
ATOM 69  C CA . ASP A 1 13 ? 8.207  -4.255 0.153  1.00 0.00 ? 13 ASP A CA 3  
ATOM 70  C CA . SER A 1 14 ? 4.499  -5.051 0.703  1.00 0.00 ? 14 SER A CA 3  
ATOM 71  C CA . ILE A 1 15 ? 1.098  -3.907 -0.662 1.00 0.00 ? 15 ILE A CA 3  
ATOM 72  C CA . ARG A 1 16 ? -1.184 -5.438 2.011  1.00 0.00 ? 16 ARG A CA 3  
ATOM 73  C CA . ALA A 1 17 ? 1.036  -3.153 4.165  1.00 0.00 ? 17 ALA A CA 3  
ATOM 74  C CA . GLN A 1 18 ? -1.024 0.020  4.328  1.00 0.00 ? 18 GLN A CA 3  
ATOM 75  C CA . SER A 1 19 ? -4.376 0.875  5.971  1.00 0.00 ? 19 SER A CA 3  
ATOM 76  C CA . GLY A 1 20 ? -5.252 4.170  4.257  1.00 0.00 ? 20 GLY A CA 3  
ATOM 77  C CA . LEU A 1 21 ? -5.311 4.296  0.469  1.00 0.00 ? 21 LEU A CA 3  
ATOM 78  C CA . GLY A 1 22 ? -3.770 7.643  -0.455 1.00 0.00 ? 22 GLY A CA 3  
ATOM 79  C CA . CYS A 1 23 ? -1.886 5.743  -3.206 1.00 0.00 ? 23 CYS A CA 3  
ATOM 80  C CA . ASN A 1 24 ? -4.151 4.312  -5.914 1.00 0.00 ? 24 ASN A CA 3  
ATOM 81  C CA . SER A 1 25 ? -6.233 1.611  -4.184 1.00 0.00 ? 25 SER A CA 3  
ATOM 82  C CA . PHE A 1 26 ? -3.953 -1.176 -5.425 1.00 0.00 ? 26 PHE A CA 3  
ATOM 83  C CA . ARG A 1 27 ? -3.986 -4.747 -3.968 1.00 0.00 ? 27 ARG A CA 3  
ATOM 84  C CA . TYR A 1 28 ? -5.120 -3.571 -0.511 1.00 0.00 ? 28 TYR A CA 3  
ATOM 85  C CA . SER A 1 1  ? 0.055  -5.509 7.239  1.00 0.00 ? 1  SER A CA 4  
ATOM 86  C CA . LEU A 1 2  ? 2.662  -2.711 7.649  1.00 0.00 ? 2  LEU A CA 4  
ATOM 87  C CA . ASP A 1 3  ? -0.285 -0.551 8.739  1.00 0.00 ? 3  ASP A CA 4  
ATOM 88  C CA . ARG A 1 4  ? -0.440 3.196  8.050  1.00 0.00 ? 4  ARG A CA 4  
ATOM 89  C CA . SER A 1 5  ? -0.439 3.558  4.222  1.00 0.00 ? 5  SER A CA 4  
ATOM 90  C CA . SER A 1 6  ? 3.289  3.131  3.390  1.00 0.00 ? 6  SER A CA 4  
ATOM 91  C CA . CYS A 1 7  ? 2.365  3.172  -0.336 1.00 0.00 ? 7  CYS A CA 4  
ATOM 92  C CA . PHE A 1 8  ? 4.911  1.076  -2.259 1.00 0.00 ? 8  PHE A CA 4  
ATOM 93  C CA . THR A 1 9  ? 3.236  2.264  -5.527 1.00 0.00 ? 9  THR A CA 4  
ATOM 94  C CA . GLY A 1 10 ? 6.304  1.575  -7.743 1.00 0.00 ? 10 GLY A CA 4  
ATOM 95  C CA . SER A 1 11 ? 9.156  0.575  -5.385 1.00 0.00 ? 11 SER A CA 4  
ATOM 96  C CA . LEU A 1 12 ? 8.030  -2.646 -3.607 1.00 0.00 ? 12 LEU A CA 4  
ATOM 97  C CA . ASP A 1 13 ? 7.625  -2.448 0.198  1.00 0.00 ? 13 ASP A CA 4  
ATOM 98  C CA . SER A 1 14 ? 4.073  -3.292 1.401  1.00 0.00 ? 14 SER A CA 4  
ATOM 99  C CA . ILE A 1 15 ? 0.635  -3.212 -0.292 1.00 0.00 ? 15 ILE A CA 4  
ATOM 100 C CA . ARG A 1 16 ? -1.774 -4.100 2.540  1.00 0.00 ? 16 ARG A CA 4  
ATOM 101 C CA . ALA A 1 17 ? -0.111 -1.322 4.551  1.00 0.00 ? 17 ALA A CA 4  
ATOM 102 C CA . GLN A 1 18 ? -3.182 0.604  3.235  1.00 0.00 ? 18 GLN A CA 4  
ATOM 103 C CA . SER A 1 19 ? -4.893 2.201  6.264  1.00 0.00 ? 19 SER A CA 4  
ATOM 104 C CA . GLY A 1 20 ? -6.349 4.609  3.741  1.00 0.00 ? 20 GLY A CA 4  
ATOM 105 C CA . LEU A 1 21 ? -4.302 4.976  0.537  1.00 0.00 ? 21 LEU A CA 4  
ATOM 106 C CA . GLY A 1 22 ? -3.041 8.241  -0.996 1.00 0.00 ? 22 GLY A CA 4  
ATOM 107 C CA . CYS A 1 23 ? -0.757 5.830  -2.931 1.00 0.00 ? 23 CYS A CA 4  
ATOM 108 C CA . ASN A 1 24 ? -1.990 6.676  -6.463 1.00 0.00 ? 24 ASN A CA 4  
ATOM 109 C CA . SER A 1 25 ? -3.487 3.127  -6.385 1.00 0.00 ? 25 SER A CA 4  
ATOM 110 C CA . PHE A 1 26 ? -1.741 -0.260 -6.504 1.00 0.00 ? 26 PHE A CA 4  
ATOM 111 C CA . ARG A 1 27 ? -2.842 -3.892 -5.858 1.00 0.00 ? 27 ARG A CA 4  
ATOM 112 C CA . TYR A 1 28 ? -4.549 -3.096 -2.483 1.00 0.00 ? 28 TYR A CA 4  
ATOM 113 C CA . SER A 1 1  ? 3.743  -5.808 4.356  1.00 0.00 ? 1  SER A CA 5  
ATOM 114 C CA . LEU A 1 2  ? 4.962  -2.322 5.397  1.00 0.00 ? 2  LEU A CA 5  
ATOM 115 C CA . ASP A 1 3  ? 1.828  -1.194 7.308  1.00 0.00 ? 3  ASP A CA 5  
ATOM 116 C CA . ARG A 1 4  ? -0.315 1.866  6.673  1.00 0.00 ? 4  ARG A CA 5  
ATOM 117 C CA . SER A 1 5  ? -0.912 3.026  3.085  1.00 0.00 ? 5  SER A CA 5  
ATOM 118 C CA . SER A 1 6  ? 2.758  3.989  2.598  1.00 0.00 ? 6  SER A CA 5  
ATOM 119 C CA . CYS A 1 7  ? 2.131  3.147  -1.120 1.00 0.00 ? 7  CYS A CA 5  
ATOM 120 C CA . PHE A 1 8  ? 3.967  0.132  -2.596 1.00 0.00 ? 8  PHE A CA 5  
ATOM 121 C CA . THR A 1 9  ? 4.169  1.331  -6.174 1.00 0.00 ? 9  THR A CA 5  
ATOM 122 C CA . GLY A 1 10 ? 7.355  0.946  -8.181 1.00 0.00 ? 10 GLY A CA 5  
ATOM 123 C CA . SER A 1 11 ? 8.531  -1.325 -5.322 1.00 0.00 ? 11 SER A CA 5  
ATOM 124 C CA . LEU A 1 12 ? 6.627  -4.117 -3.479 1.00 0.00 ? 12 LEU A CA 5  
ATOM 125 C CA . ASP A 1 13 ? 6.203  -3.215 0.221  1.00 0.00 ? 13 ASP A CA 5  
ATOM 126 C CA . SER A 1 14 ? 2.898  -1.590 1.261  1.00 0.00 ? 14 SER A CA 5  
ATOM 127 C CA . ILE A 1 15 ? 0.092  -3.721 -0.279 1.00 0.00 ? 15 ILE A CA 5  
ATOM 128 C CA . ARG A 1 16 ? -1.943 -5.687 2.338  1.00 0.00 ? 16 ARG A CA 5  
ATOM 129 C CA . ALA A 1 17 ? -0.517 -3.078 4.767  1.00 0.00 ? 17 ALA A CA 5  
ATOM 130 C CA . GLN A 1 18 ? -3.042 -0.451 3.695  1.00 0.00 ? 18 GLN A CA 5  
ATOM 131 C CA . SER A 1 19 ? -4.585 1.714  6.421  1.00 0.00 ? 19 SER A CA 5  
ATOM 132 C CA . GLY A 1 20 ? -6.698 3.513  3.771  1.00 0.00 ? 20 GLY A CA 5  
ATOM 133 C CA . LEU A 1 21 ? -5.012 3.085  0.323  1.00 0.00 ? 21 LEU A CA 5  
ATOM 134 C CA . GLY A 1 22 ? -3.785 6.669  -0.178 1.00 0.00 ? 22 GLY A CA 5  
ATOM 135 C CA . CYS A 1 23 ? -1.860 5.343  -3.197 1.00 0.00 ? 23 CYS A CA 5  
ATOM 136 C CA . ASN A 1 24 ? -3.332 4.147  -6.533 1.00 0.00 ? 24 ASN A CA 5  
ATOM 137 C CA . SER A 1 25 ? -6.001 1.571  -5.528 1.00 0.00 ? 25 SER A CA 5  
ATOM 138 C CA . PHE A 1 26 ? -3.763 -1.543 -5.596 1.00 0.00 ? 26 PHE A CA 5  
ATOM 139 C CA . ARG A 1 27 ? -5.771 -3.884 -3.307 1.00 0.00 ? 27 ARG A CA 5  
ATOM 140 C CA . TYR A 1 28 ? -8.691 -3.028 -0.997 1.00 0.00 ? 28 TYR A CA 5  
ATOM 141 C CA . SER A 1 1  ? 2.883  1.803  11.312 1.00 0.00 ? 1  SER A CA 6  
ATOM 142 C CA . LEU A 1 2  ? 1.173  -0.266 8.577  1.00 0.00 ? 2  LEU A CA 6  
ATOM 143 C CA . ASP A 1 3  ? -1.471 2.465  8.072  1.00 0.00 ? 3  ASP A CA 6  
ATOM 144 C CA . ARG A 1 4  ? -2.276 5.417  5.760  1.00 0.00 ? 4  ARG A CA 6  
ATOM 145 C CA . SER A 1 5  ? -1.424 3.829  2.377  1.00 0.00 ? 5  SER A CA 6  
ATOM 146 C CA . SER A 1 6  ? 2.075  2.684  1.336  1.00 0.00 ? 6  SER A CA 6  
ATOM 147 C CA . CYS A 1 7  ? 2.001  2.308  -2.464 1.00 0.00 ? 7  CYS A CA 6  
ATOM 148 C CA . PHE A 1 8  ? 5.509  0.868  -2.760 1.00 0.00 ? 8  PHE A CA 6  
ATOM 149 C CA . THR A 1 9  ? 5.739  1.106  -6.604 1.00 0.00 ? 9  THR A CA 6  
ATOM 150 C CA . GLY A 1 10 ? 8.606  -0.183 -8.793 1.00 0.00 ? 10 GLY A CA 6  
ATOM 151 C CA . SER A 1 11 ? 10.588 -2.662 -6.647 1.00 0.00 ? 11 SER A CA 6  
ATOM 152 C CA . LEU A 1 12 ? 9.378  -3.743 -3.165 1.00 0.00 ? 12 LEU A CA 6  
ATOM 153 C CA . ASP A 1 13 ? 6.327  -5.507 -1.632 1.00 0.00 ? 13 ASP A CA 6  
ATOM 154 C CA . SER A 1 14 ? 4.987  -2.984 0.923  1.00 0.00 ? 14 SER A CA 6  
ATOM 155 C CA . ILE A 1 15 ? 1.643  -3.523 -0.822 1.00 0.00 ? 15 ILE A CA 6  
ATOM 156 C CA . ARG A 1 16 ? -0.842 -5.037 1.674  1.00 0.00 ? 16 ARG A CA 6  
ATOM 157 C CA . ALA A 1 17 ? 0.794  -2.510 4.100  1.00 0.00 ? 17 ALA A CA 6  
ATOM 158 C CA . GLN A 1 18 ? -2.104 -0.093 3.479  1.00 0.00 ? 18 GLN A CA 6  
ATOM 159 C CA . SER A 1 19 ? -5.163 0.790  5.541  1.00 0.00 ? 19 SER A CA 6  
ATOM 160 C CA . GLY A 1 20 ? -6.293 4.165  4.124  1.00 0.00 ? 20 GLY A CA 6  
ATOM 161 C CA . LEU A 1 21 ? -4.938 3.911  0.551  1.00 0.00 ? 21 LEU A CA 6  
ATOM 162 C CA . GLY A 1 22 ? -4.742 7.637  -0.272 1.00 0.00 ? 22 GLY A CA 6  
ATOM 163 C CA . CYS A 1 23 ? -2.340 6.871  -3.162 1.00 0.00 ? 23 CYS A CA 6  
ATOM 164 C CA . ASN A 1 24 ? -4.641 6.271  -6.149 1.00 0.00 ? 24 ASN A CA 6  
ATOM 165 C CA . SER A 1 25 ? -5.179 2.481  -5.866 1.00 0.00 ? 25 SER A CA 6  
ATOM 166 C CA . PHE A 1 26 ? -2.554 -0.309 -5.906 1.00 0.00 ? 26 PHE A CA 6  
ATOM 167 C CA . ARG A 1 27 ? -3.300 -3.780 -4.424 1.00 0.00 ? 27 ARG A CA 6  
ATOM 168 C CA . TYR A 1 28 ? -4.788 -4.913 -1.104 1.00 0.00 ? 28 TYR A CA 6  
ATOM 169 C CA . SER A 1 1  ? 2.289  2.972  12.877 1.00 0.00 ? 1  SER A CA 7  
ATOM 170 C CA . LEU A 1 2  ? 1.405  0.540  10.048 1.00 0.00 ? 2  LEU A CA 7  
ATOM 171 C CA . ASP A 1 3  ? -1.279 -0.327 7.425  1.00 0.00 ? 3  ASP A CA 7  
ATOM 172 C CA . ARG A 1 4  ? -3.721 2.103  5.710  1.00 0.00 ? 4  ARG A CA 7  
ATOM 173 C CA . SER A 1 5  ? -2.568 2.684  2.099  1.00 0.00 ? 5  SER A CA 7  
ATOM 174 C CA . SER A 1 6  ? 0.712  0.723  1.962  1.00 0.00 ? 6  SER A CA 7  
ATOM 175 C CA . CYS A 1 7  ? 0.712  1.376  -1.816 1.00 0.00 ? 7  CYS A CA 7  
ATOM 176 C CA . PHE A 1 8  ? 3.209  -1.111 -3.274 1.00 0.00 ? 8  PHE A CA 7  
ATOM 177 C CA . THR A 1 9  ? 4.045  1.004  -6.384 1.00 0.00 ? 9  THR A CA 7  
ATOM 178 C CA . GLY A 1 10 ? 6.762  -1.492 -7.480 1.00 0.00 ? 10 GLY A CA 7  
ATOM 179 C CA . SER A 1 11 ? 7.643  -3.320 -4.208 1.00 0.00 ? 11 SER A CA 7  
ATOM 180 C CA . LEU A 1 12 ? 5.213  -6.241 -4.686 1.00 0.00 ? 12 LEU A CA 7  
ATOM 181 C CA . ASP A 1 13 ? 5.860  -7.838 -1.262 1.00 0.00 ? 13 ASP A CA 7  
ATOM 182 C CA . SER A 1 14 ? 4.051  -6.000 1.575  1.00 0.00 ? 14 SER A CA 7  
ATOM 183 C CA . ILE A 1 15 ? 0.826  -5.516 -0.426 1.00 0.00 ? 15 ILE A CA 7  
ATOM 184 C CA . ARG A 1 16 ? -2.080 -6.947 1.659  1.00 0.00 ? 16 ARG A CA 7  
ATOM 185 C CA . ALA A 1 17 ? -0.428 -4.577 4.177  1.00 0.00 ? 17 ALA A CA 7  
ATOM 186 C CA . GLN A 1 18 ? -2.952 -1.751 3.545  1.00 0.00 ? 18 GLN A CA 7  
ATOM 187 C CA . SER A 1 19 ? -6.287 -1.088 5.288  1.00 0.00 ? 19 SER A CA 7  
ATOM 188 C CA . GLY A 1 20 ? -7.884 1.511  2.986  1.00 0.00 ? 20 GLY A CA 7  
ATOM 189 C CA . LEU A 1 21 ? -6.959 2.112  -0.676 1.00 0.00 ? 21 LEU A CA 7  
ATOM 190 C CA . GLY A 1 22 ? -5.823 5.743  -0.407 1.00 0.00 ? 22 GLY A CA 7  
ATOM 191 C CA . CYS A 1 23 ? -3.261 4.487  -2.978 1.00 0.00 ? 23 CYS A CA 7  
ATOM 192 C CA . ASN A 1 24 ? -6.118 4.001  -5.511 1.00 0.00 ? 24 ASN A CA 7  
ATOM 193 C CA . SER A 1 25 ? -6.222 0.167  -5.493 1.00 0.00 ? 25 SER A CA 7  
ATOM 194 C CA . PHE A 1 26 ? -3.416 -2.277 -6.371 1.00 0.00 ? 26 PHE A CA 7  
ATOM 195 C CA . ARG A 1 27 ? -2.748 -5.973 -5.575 1.00 0.00 ? 27 ARG A CA 7  
ATOM 196 C CA . TYR A 1 28 ? -3.455 -6.166 -1.805 1.00 0.00 ? 28 TYR A CA 7  
ATOM 197 C CA . SER A 1 1  ? -3.170 -5.534 6.999  1.00 0.00 ? 1  SER A CA 8  
ATOM 198 C CA . LEU A 1 2  ? -1.071 -3.136 9.130  1.00 0.00 ? 2  LEU A CA 8  
ATOM 199 C CA . ASP A 1 3  ? -1.406 0.557  8.141  1.00 0.00 ? 3  ASP A CA 8  
ATOM 200 C CA . ARG A 1 4  ? -3.028 2.970  5.640  1.00 0.00 ? 4  ARG A CA 8  
ATOM 201 C CA . SER A 1 5  ? -0.317 2.142  3.134  1.00 0.00 ? 5  SER A CA 8  
ATOM 202 C CA . SER A 1 6  ? 1.019  4.158  0.168  1.00 0.00 ? 6  SER A CA 8  
ATOM 203 C CA . CYS A 1 7  ? 1.739  2.673  -3.285 1.00 0.00 ? 7  CYS A CA 8  
ATOM 204 C CA . PHE A 1 8  ? 3.925  -0.475 -3.174 1.00 0.00 ? 8  PHE A CA 8  
ATOM 205 C CA . THR A 1 9  ? 5.241  0.330  -6.698 1.00 0.00 ? 9  THR A CA 8  
ATOM 206 C CA . GLY A 1 10 ? 7.174  -2.765 -7.840 1.00 0.00 ? 10 GLY A CA 8  
ATOM 207 C CA . SER A 1 11 ? 8.397  -3.728 -4.336 1.00 0.00 ? 11 SER A CA 8  
ATOM 208 C CA . LEU A 1 12 ? 5.740  -6.206 -3.083 1.00 0.00 ? 12 LEU A CA 8  
ATOM 209 C CA . ASP A 1 13 ? 5.485  -4.708 0.433  1.00 0.00 ? 13 ASP A CA 8  
ATOM 210 C CA . SER A 1 14 ? 2.572  -2.264 0.713  1.00 0.00 ? 14 SER A CA 8  
ATOM 211 C CA . ILE A 1 15 ? 0.157  -4.479 -1.310 1.00 0.00 ? 15 ILE A CA 8  
ATOM 212 C CA . ARG A 1 16 ? -0.995 -6.425 1.786  1.00 0.00 ? 16 ARG A CA 8  
ATOM 213 C CA . ALA A 1 17 ? -0.045 -3.676 4.299  1.00 0.00 ? 17 ALA A CA 8  
ATOM 214 C CA . GLN A 1 18 ? -3.290 -1.710 3.659  1.00 0.00 ? 18 GLN A CA 8  
ATOM 215 C CA . SER A 1 19 ? -5.655 -0.795 6.486  1.00 0.00 ? 19 SER A CA 8  
ATOM 216 C CA . GLY A 1 20 ? -7.756 1.059  3.865  1.00 0.00 ? 20 GLY A CA 8  
ATOM 217 C CA . LEU A 1 21 ? -5.525 1.848  0.842  1.00 0.00 ? 21 LEU A CA 8  
ATOM 218 C CA . GLY A 1 22 ? -3.356 4.964  1.243  1.00 0.00 ? 22 GLY A CA 8  
ATOM 219 C CA . CYS A 1 23 ? -2.362 4.476  -2.427 1.00 0.00 ? 23 CYS A CA 8  
ATOM 220 C CA . ASN A 1 24 ? -5.854 4.062  -3.966 1.00 0.00 ? 24 ASN A CA 8  
ATOM 221 C CA . SER A 1 25 ? -5.657 0.399  -5.084 1.00 0.00 ? 25 SER A CA 8  
ATOM 222 C CA . PHE A 1 26 ? -2.979 -2.238 -5.803 1.00 0.00 ? 26 PHE A CA 8  
ATOM 223 C CA . ARG A 1 27 ? -2.687 -6.048 -5.245 1.00 0.00 ? 27 ARG A CA 8  
ATOM 224 C CA . TYR A 1 28 ? -4.696 -6.383 -2.002 1.00 0.00 ? 28 TYR A CA 8  
ATOM 225 C CA . SER A 1 1  ? 4.108  -4.484 5.401  1.00 0.00 ? 1  SER A CA 9  
ATOM 226 C CA . LEU A 1 2  ? 1.986  -3.202 8.328  1.00 0.00 ? 2  LEU A CA 9  
ATOM 227 C CA . ASP A 1 3  ? -1.212 -1.226 7.571  1.00 0.00 ? 3  ASP A CA 9  
ATOM 228 C CA . ARG A 1 4  ? 0.058  2.311  6.813  1.00 0.00 ? 4  ARG A CA 9  
ATOM 229 C CA . SER A 1 5  ? -0.459 3.393  3.174  1.00 0.00 ? 5  SER A CA 9  
ATOM 230 C CA . SER A 1 6  ? 3.035  4.656  2.274  1.00 0.00 ? 6  SER A CA 9  
ATOM 231 C CA . CYS A 1 7  ? 2.509  2.924  -1.128 1.00 0.00 ? 7  CYS A CA 9  
ATOM 232 C CA . PHE A 1 8  ? 4.735  0.270  -2.716 1.00 0.00 ? 8  PHE A CA 9  
ATOM 233 C CA . THR A 1 9  ? 4.720  2.316  -5.989 1.00 0.00 ? 9  THR A CA 9  
ATOM 234 C CA . GLY A 1 10 ? 6.963  -0.219 -7.815 1.00 0.00 ? 10 GLY A CA 9  
ATOM 235 C CA . SER A 1 11 ? 9.144  -1.912 -5.165 1.00 0.00 ? 11 SER A CA 9  
ATOM 236 C CA . LEU A 1 12 ? 6.943  -4.623 -3.573 1.00 0.00 ? 12 LEU A CA 9  
ATOM 237 C CA . ASP A 1 13 ? 7.000  -3.523 0.096  1.00 0.00 ? 13 ASP A CA 9  
ATOM 238 C CA . SER A 1 14 ? 4.123  -1.240 1.229  1.00 0.00 ? 14 SER A CA 9  
ATOM 239 C CA . ILE A 1 15 ? 1.405  -3.090 -0.768 1.00 0.00 ? 15 ILE A CA 9  
ATOM 240 C CA . ARG A 1 16 ? -0.198 -5.131 2.010  1.00 0.00 ? 16 ARG A CA 9  
ATOM 241 C CA . ALA A 1 17 ? 0.403  -1.902 4.026  1.00 0.00 ? 17 ALA A CA 9  
ATOM 242 C CA . GLN A 1 18 ? -3.138 -0.806 2.994  1.00 0.00 ? 18 GLN A CA 9  
ATOM 243 C CA . SER A 1 19 ? -4.491 1.296  5.866  1.00 0.00 ? 19 SER A CA 9  
ATOM 244 C CA . GLY A 1 20 ? -6.644 2.841  3.124  1.00 0.00 ? 20 GLY A CA 9  
ATOM 245 C CA . LEU A 1 21 ? -5.952 4.638  -0.181 1.00 0.00 ? 21 LEU A CA 9  
ATOM 246 C CA . GLY A 1 22 ? -3.022 6.865  0.839  1.00 0.00 ? 22 GLY A CA 9  
ATOM 247 C CA . CYS A 1 23 ? -1.804 6.654  -2.791 1.00 0.00 ? 23 CYS A CA 9  
ATOM 248 C CA . ASN A 1 24 ? -4.301 5.969  -5.608 1.00 0.00 ? 24 ASN A CA 9  
ATOM 249 C CA . SER A 1 25 ? -4.905 2.197  -5.702 1.00 0.00 ? 25 SER A CA 9  
ATOM 250 C CA . PHE A 1 26 ? -2.270 -0.599 -5.148 1.00 0.00 ? 26 PHE A CA 9  
ATOM 251 C CA . ARG A 1 27 ? -4.375 -2.797 -2.811 1.00 0.00 ? 27 ARG A CA 9  
ATOM 252 C CA . TYR A 1 28 ? -7.998 -2.122 -1.766 1.00 0.00 ? 28 TYR A CA 9  
ATOM 253 C CA . SER A 1 1  ? 2.195  0.783  12.453 1.00 0.00 ? 1  SER A CA 10 
ATOM 254 C CA . LEU A 1 2  ? 1.727  -2.067 9.959  1.00 0.00 ? 2  LEU A CA 10 
ATOM 255 C CA . ASP A 1 3  ? -0.896 0.295  8.467  1.00 0.00 ? 3  ASP A CA 10 
ATOM 256 C CA . ARG A 1 4  ? 1.348  2.346  6.144  1.00 0.00 ? 4  ARG A CA 10 
ATOM 257 C CA . SER A 1 5  ? 0.455  3.724  2.672  1.00 0.00 ? 5  SER A CA 10 
ATOM 258 C CA . SER A 1 6  ? 3.834  2.757  1.139  1.00 0.00 ? 6  SER A CA 10 
ATOM 259 C CA . CYS A 1 7  ? 3.212  4.114  -2.385 1.00 0.00 ? 7  CYS A CA 10 
ATOM 260 C CA . PHE A 1 8  ? 5.743  1.534  -3.582 1.00 0.00 ? 8  PHE A CA 10 
ATOM 261 C CA . THR A 1 9  ? 5.421  2.399  -7.324 1.00 0.00 ? 9  THR A CA 10 
ATOM 262 C CA . GLY A 1 10 ? 8.785  0.984  -8.529 1.00 0.00 ? 10 GLY A CA 10 
ATOM 263 C CA . SER A 1 11 ? 10.641 -0.255 -5.419 1.00 0.00 ? 11 SER A CA 10 
ATOM 264 C CA . LEU A 1 12 ? 8.341  -2.916 -3.897 1.00 0.00 ? 12 LEU A CA 10 
ATOM 265 C CA . ASP A 1 13 ? 7.941  -1.619 -0.312 1.00 0.00 ? 13 ASP A CA 10 
ATOM 266 C CA . SER A 1 14 ? 4.838  -3.891 -0.122 1.00 0.00 ? 14 SER A CA 10 
ATOM 267 C CA . ILE A 1 15 ? 1.243  -2.958 -1.118 1.00 0.00 ? 15 ILE A CA 10 
ATOM 268 C CA . ARG A 1 16 ? -1.050 -4.688 1.426  1.00 0.00 ? 16 ARG A CA 10 
ATOM 269 C CA . ALA A 1 17 ? 1.014  -2.462 3.785  1.00 0.00 ? 17 ALA A CA 10 
ATOM 270 C CA . GLN A 1 18 ? -1.558 0.277  3.101  1.00 0.00 ? 18 GLN A CA 10 
ATOM 271 C CA . SER A 1 19 ? -3.239 2.428  5.761  1.00 0.00 ? 19 SER A CA 10 
ATOM 272 C CA . GLY A 1 20 ? -5.409 4.175  3.156  1.00 0.00 ? 20 GLY A CA 10 
ATOM 273 C CA . LEU A 1 21 ? -4.201 5.704  -0.134 1.00 0.00 ? 21 LEU A CA 10 
ATOM 274 C CA . GLY A 1 22 ? -2.811 9.123  -1.137 1.00 0.00 ? 22 GLY A CA 10 
ATOM 275 C CA . CYS A 1 23 ? -0.782 6.896  -3.529 1.00 0.00 ? 23 CYS A CA 10 
ATOM 276 C CA . ASN A 1 24 ? -3.945 6.956  -5.755 1.00 0.00 ? 24 ASN A CA 10 
ATOM 277 C CA . SER A 1 25 ? -4.736 3.225  -6.132 1.00 0.00 ? 25 SER A CA 10 
ATOM 278 C CA . PHE A 1 26 ? -3.102 -0.219 -5.787 1.00 0.00 ? 26 PHE A CA 10 
ATOM 279 C CA . ARG A 1 27 ? -4.149 -3.198 -3.571 1.00 0.00 ? 27 ARG A CA 10 
ATOM 280 C CA . TYR A 1 28 ? -6.421 -1.889 -0.776 1.00 0.00 ? 28 TYR A CA 10 
ATOM 281 C CA . SER A 1 1  ? -2.412 -6.108 7.929  1.00 0.00 ? 1  SER A CA 11 
ATOM 282 C CA . LEU A 1 2  ? -0.748 -2.725 8.638  1.00 0.00 ? 2  LEU A CA 11 
ATOM 283 C CA . ASP A 1 3  ? -2.490 0.674  8.263  1.00 0.00 ? 3  ASP A CA 11 
ATOM 284 C CA . ARG A 1 4  ? -0.287 2.153  5.521  1.00 0.00 ? 4  ARG A CA 11 
ATOM 285 C CA . SER A 1 5  ? -2.501 4.822  3.870  1.00 0.00 ? 5  SER A CA 11 
ATOM 286 C CA . SER A 1 6  ? -0.063 5.174  0.896  1.00 0.00 ? 6  SER A CA 11 
ATOM 287 C CA . CYS A 1 7  ? 1.000  3.462  -2.365 1.00 0.00 ? 7  CYS A CA 11 
ATOM 288 C CA . PHE A 1 8  ? 3.180  0.353  -1.886 1.00 0.00 ? 8  PHE A CA 11 
ATOM 289 C CA . THR A 1 9  ? 5.086  1.416  -5.071 1.00 0.00 ? 9  THR A CA 11 
ATOM 290 C CA . GLY A 1 10 ? 6.747  -0.840 -7.692 1.00 0.00 ? 10 GLY A CA 11 
ATOM 291 C CA . SER A 1 11 ? 6.225  -4.407 -6.417 1.00 0.00 ? 11 SER A CA 11 
ATOM 292 C CA . LEU A 1 12 ? 7.173  -4.128 -2.712 1.00 0.00 ? 12 LEU A CA 11 
ATOM 293 C CA . ASP A 1 13 ? 6.102  -6.412 0.172  1.00 0.00 ? 13 ASP A CA 11 
ATOM 294 C CA . SER A 1 14 ? 3.692  -3.789 1.641  1.00 0.00 ? 14 SER A CA 11 
ATOM 295 C CA . ILE A 1 15 ? 0.758  -5.124 -0.442 1.00 0.00 ? 15 ILE A CA 11 
ATOM 296 C CA . ARG A 1 16 ? -2.090 -5.716 2.047  1.00 0.00 ? 16 ARG A CA 11 
ATOM 297 C CA . ALA A 1 17 ? -0.310 -3.154 4.280  1.00 0.00 ? 17 ALA A CA 11 
ATOM 298 C CA . GLN A 1 18 ? -3.099 -0.935 2.848  1.00 0.00 ? 18 GLN A CA 11 
ATOM 299 C CA . SER A 1 19 ? -5.374 0.678  5.479  1.00 0.00 ? 19 SER A CA 11 
ATOM 300 C CA . GLY A 1 20 ? -8.024 1.703  2.942  1.00 0.00 ? 20 GLY A CA 11 
ATOM 301 C CA . LEU A 1 21 ? -5.448 2.209  0.162  1.00 0.00 ? 21 LEU A CA 11 
ATOM 302 C CA . GLY A 1 22 ? -4.930 5.948  0.742  1.00 0.00 ? 22 GLY A CA 11 
ATOM 303 C CA . CYS A 1 23 ? -3.097 5.776  -2.630 1.00 0.00 ? 23 CYS A CA 11 
ATOM 304 C CA . ASN A 1 24 ? -6.254 5.070  -4.696 1.00 0.00 ? 24 ASN A CA 11 
ATOM 305 C CA . SER A 1 25 ? -5.420 1.433  -5.588 1.00 0.00 ? 25 SER A CA 11 
ATOM 306 C CA . PHE A 1 26 ? -2.277 -0.714 -6.002 1.00 0.00 ? 26 PHE A CA 11 
ATOM 307 C CA . ARG A 1 27 ? -2.285 -4.412 -5.031 1.00 0.00 ? 27 ARG A CA 11 
ATOM 308 C CA . TYR A 1 28 ? -4.291 -6.344 -2.407 1.00 0.00 ? 28 TYR A CA 11 
# 
